data_4HKP
#
_entry.id   4HKP
#
_cell.length_a   69.290
_cell.length_b   61.775
_cell.length_c   70.523
_cell.angle_alpha   90.00
_cell.angle_beta   112.90
_cell.angle_gamma   90.00
#
_symmetry.space_group_name_H-M   'P 1 21 1'
#
loop_
_entity.id
_entity.type
_entity.pdbx_description
1 polymer "Uridine 5'-monophosphate synthase"
2 non-polymer GLYCEROL
3 non-polymer "5-hydroxycytidine 5'-(dihydrogen phosphate)"
4 non-polymer "N-hydroxycytidine 5'-(dihydrogen phosphate)"
5 water water
#
_entity_poly.entity_id   1
_entity_poly.type   'polypeptide(L)'
_entity_poly.pdbx_seq_one_letter_code
;MGSSHHHHHHSSGLVPRGSHMDAETVGRVKRFIQENVFVAANHNGSPLSIKEAPKELSFGARAELPRIHPVASKLLRLMQ
KKETNLCLSADVSLARELLQLADALGPSICMLKTHVDILNDFTLDVMKELITLAKCHEFLIFEDRKFADIGNTVKKQYEG
GIFKIASWADLVNAHVVPGSGVVKGLQEVGLPLHRGCLLIAEMSSTGSLATGDYTRAAVRMAEEHSEFVVGFISGSRVSM
KPEFLHLTPGVQLEAGGDNLGQQYNSPQEVIGKRGSDIIIVGRGIISAADRLEAAEMYRKAAWEAYLSRLGV
;
_entity_poly.pdbx_strand_id   A,B
#
loop_
_chem_comp.id
_chem_comp.type
_chem_comp.name
_chem_comp.formula
16B RNA linking 'N-hydroxycytidine 5'-(dihydrogen phosphate)' 'C9 H14 N3 O9 P'
GOL non-polymer GLYCEROL 'C3 H8 O3'
TKW non-polymer '5-hydroxycytidine 5'-(dihydrogen phosphate)' 'C9 H14 N3 O9 P'
#
# COMPACT_ATOMS: atom_id res chain seq x y z
N GLU A 56 -28.43 -19.41 9.60
CA GLU A 56 -27.63 -18.14 9.50
C GLU A 56 -28.45 -16.89 9.88
N LEU A 57 -27.80 -15.97 10.58
CA LEU A 57 -28.43 -14.72 10.98
C LEU A 57 -28.52 -13.70 9.84
N SER A 58 -29.67 -13.03 9.77
CA SER A 58 -29.83 -11.91 8.83
C SER A 58 -28.85 -10.78 9.14
N PHE A 59 -28.64 -9.87 8.17
CA PHE A 59 -27.86 -8.66 8.45
C PHE A 59 -28.42 -7.86 9.63
N GLY A 60 -29.75 -7.72 9.68
CA GLY A 60 -30.41 -7.00 10.78
C GLY A 60 -30.11 -7.60 12.14
N ALA A 61 -30.16 -8.93 12.23
CA ALA A 61 -29.84 -9.59 13.51
C ALA A 61 -28.34 -9.47 13.82
N ARG A 62 -27.49 -9.58 12.80
CA ARG A 62 -26.04 -9.51 13.07
C ARG A 62 -25.68 -8.10 13.59
N ALA A 63 -26.46 -7.10 13.20
CA ALA A 63 -26.22 -5.71 13.63
C ALA A 63 -26.40 -5.59 15.15
N GLU A 64 -27.04 -6.61 15.74
CA GLU A 64 -27.32 -6.61 17.18
C GLU A 64 -26.41 -7.54 18.01
N LEU A 65 -25.47 -8.21 17.34
CA LEU A 65 -24.58 -9.15 18.04
C LEU A 65 -23.82 -8.45 19.19
N PRO A 66 -23.62 -9.15 20.31
CA PRO A 66 -23.01 -8.49 21.49
C PRO A 66 -21.64 -7.84 21.19
N ARG A 67 -20.80 -8.55 20.46
CA ARG A 67 -19.43 -8.12 20.20
C ARG A 67 -19.32 -7.31 18.90
N ILE A 68 -20.44 -6.80 18.39
CA ILE A 68 -20.43 -6.11 17.07
C ILE A 68 -19.83 -4.73 17.20
N HIS A 69 -18.98 -4.36 16.24
CA HIS A 69 -18.43 -3.00 16.20
C HIS A 69 -19.52 -2.01 15.77
N PRO A 70 -19.55 -0.79 16.37
CA PRO A 70 -20.58 0.21 16.05
C PRO A 70 -20.67 0.55 14.56
N VAL A 71 -19.52 0.54 13.88
CA VAL A 71 -19.51 0.83 12.44
C VAL A 71 -20.13 -0.31 11.61
N ALA A 72 -19.80 -1.53 12.00
CA ALA A 72 -20.36 -2.74 11.40
C ALA A 72 -21.84 -2.78 11.70
N SER A 73 -22.24 -2.40 12.91
CA SER A 73 -23.66 -2.37 13.22
C SER A 73 -24.43 -1.39 12.34
N LYS A 74 -23.88 -0.17 12.18
CA LYS A 74 -24.53 0.82 11.35
C LYS A 74 -24.67 0.33 9.92
N LEU A 75 -23.61 -0.31 9.40
CA LEU A 75 -23.60 -0.83 8.03
C LEU A 75 -24.67 -1.93 7.87
N LEU A 76 -24.66 -2.88 8.79
CA LEU A 76 -25.56 -4.05 8.70
C LEU A 76 -27.02 -3.62 8.75
N ARG A 77 -27.29 -2.60 9.58
CA ARG A 77 -28.65 -2.09 9.71
C ARG A 77 -29.14 -1.41 8.39
N LEU A 78 -28.26 -0.66 7.73
CA LEU A 78 -28.68 0.00 6.52
C LEU A 78 -28.77 -1.01 5.36
N MET A 79 -27.94 -2.04 5.41
CA MET A 79 -28.01 -3.13 4.41
C MET A 79 -29.40 -3.75 4.50
N GLN A 80 -29.83 -4.00 5.73
CA GLN A 80 -31.15 -4.60 5.96
C GLN A 80 -32.28 -3.68 5.51
N LYS A 81 -32.21 -2.41 5.90
CA LYS A 81 -33.24 -1.42 5.57
C LYS A 81 -33.37 -1.22 4.07
N LYS A 82 -32.24 -1.12 3.39
CA LYS A 82 -32.22 -0.80 1.99
C LYS A 82 -32.21 -2.01 1.05
N GLU A 83 -32.10 -3.22 1.59
CA GLU A 83 -31.99 -4.46 0.78
C GLU A 83 -30.85 -4.33 -0.23
N THR A 84 -29.71 -3.90 0.27
CA THR A 84 -28.53 -3.87 -0.54
C THR A 84 -27.30 -4.38 0.20
N ASN A 85 -26.58 -5.30 -0.44
CA ASN A 85 -25.24 -5.71 -0.02
C ASN A 85 -24.20 -5.46 -1.14
N LEU A 86 -24.42 -4.37 -1.86
CA LEU A 86 -23.55 -3.94 -2.94
C LEU A 86 -22.67 -2.77 -2.48
N CYS A 87 -21.35 -2.93 -2.68
CA CYS A 87 -20.41 -1.83 -2.51
C CYS A 87 -19.95 -1.37 -3.89
N LEU A 88 -20.22 -0.11 -4.22
CA LEU A 88 -19.76 0.45 -5.50
C LEU A 88 -18.28 0.81 -5.40
N SER A 89 -17.48 0.26 -6.32
CA SER A 89 -16.07 0.64 -6.39
C SER A 89 -16.04 1.82 -7.38
N ALA A 90 -15.95 3.04 -6.85
CA ALA A 90 -16.13 4.26 -7.66
C ALA A 90 -14.80 4.64 -8.29
N ASP A 91 -14.36 3.82 -9.25
CA ASP A 91 -13.02 3.96 -9.82
C ASP A 91 -13.08 4.91 -10.99
N VAL A 92 -13.03 6.18 -10.62
CA VAL A 92 -13.03 7.30 -11.57
C VAL A 92 -11.98 8.31 -11.13
N SER A 93 -11.59 9.16 -12.06
CA SER A 93 -10.51 10.10 -11.81
C SER A 93 -11.02 11.54 -11.63
N LEU A 94 -12.33 11.76 -11.83
CA LEU A 94 -12.93 13.12 -11.69
C LEU A 94 -13.91 13.21 -10.54
N ALA A 95 -13.73 14.23 -9.72
CA ALA A 95 -14.59 14.46 -8.55
C ALA A 95 -16.05 14.57 -9.00
N ARG A 96 -16.30 15.27 -10.11
CA ARG A 96 -17.68 15.46 -10.57
C ARG A 96 -18.35 14.11 -10.86
N GLU A 97 -17.60 13.20 -11.51
CA GLU A 97 -18.12 11.86 -11.85
C GLU A 97 -18.34 11.06 -10.56
N LEU A 98 -17.39 11.16 -9.63
CA LEU A 98 -17.50 10.48 -8.35
C LEU A 98 -18.79 10.89 -7.61
N LEU A 99 -19.05 12.18 -7.56
CA LEU A 99 -20.18 12.69 -6.79
C LEU A 99 -21.50 12.39 -7.53
N GLN A 100 -21.48 12.47 -8.86
CA GLN A 100 -22.71 12.17 -9.63
C GLN A 100 -23.07 10.70 -9.47
N LEU A 101 -22.04 9.83 -9.43
CA LEU A 101 -22.26 8.39 -9.16
C LEU A 101 -22.79 8.15 -7.76
N ALA A 102 -22.19 8.80 -6.76
CA ALA A 102 -22.58 8.58 -5.37
C ALA A 102 -24.05 9.00 -5.15
N ASP A 103 -24.44 10.09 -5.81
CA ASP A 103 -25.82 10.61 -5.70
C ASP A 103 -26.82 9.67 -6.38
N ALA A 104 -26.54 9.29 -7.63
CA ALA A 104 -27.48 8.49 -8.41
C ALA A 104 -27.57 7.06 -7.89
N LEU A 105 -26.43 6.48 -7.46
CA LEU A 105 -26.38 5.05 -7.08
C LEU A 105 -26.50 4.90 -5.58
N GLY A 106 -26.47 6.02 -4.86
CA GLY A 106 -26.56 5.99 -3.39
C GLY A 106 -27.69 5.14 -2.82
N PRO A 107 -28.91 5.30 -3.35
CA PRO A 107 -29.99 4.42 -2.85
C PRO A 107 -29.81 2.92 -3.11
N SER A 108 -28.92 2.56 -4.05
CA SER A 108 -28.72 1.17 -4.45
C SER A 108 -27.59 0.47 -3.69
N ILE A 109 -26.80 1.24 -2.95
CA ILE A 109 -25.56 0.68 -2.38
C ILE A 109 -25.56 0.76 -0.86
N CYS A 110 -24.85 -0.16 -0.22
CA CYS A 110 -24.58 -0.04 1.20
C CYS A 110 -23.26 0.68 1.50
N MET A 111 -22.43 0.84 0.47
CA MET A 111 -21.07 1.34 0.70
C MET A 111 -20.53 1.85 -0.63
N LEU A 112 -19.70 2.90 -0.55
CA LEU A 112 -19.02 3.46 -1.72
C LEU A 112 -17.54 3.36 -1.39
N LYS A 113 -16.81 2.65 -2.23
CA LYS A 113 -15.37 2.43 -2.03
C LYS A 113 -14.62 3.42 -2.93
N THR A 114 -13.65 4.11 -2.35
CA THR A 114 -12.87 5.14 -3.07
C THR A 114 -11.44 4.70 -3.22
N HIS A 115 -10.78 5.22 -4.26
CA HIS A 115 -9.31 5.30 -4.28
C HIS A 115 -8.99 6.79 -4.42
N VAL A 116 -8.88 7.49 -3.29
CA VAL A 116 -8.71 8.94 -3.29
CA VAL A 116 -8.73 8.93 -3.35
C VAL A 116 -7.41 9.37 -4.03
N ASP A 117 -6.41 8.48 -4.01
CA ASP A 117 -5.15 8.76 -4.68
C ASP A 117 -5.18 8.68 -6.22
N ILE A 118 -6.34 8.34 -6.80
N ILE A 118 -6.31 8.34 -6.83
CA ILE A 118 -6.55 8.34 -8.24
CA ILE A 118 -6.42 8.47 -8.28
C ILE A 118 -7.33 9.58 -8.72
C ILE A 118 -7.40 9.55 -8.73
N LEU A 119 -7.94 10.30 -7.78
CA LEU A 119 -8.75 11.50 -8.08
CA LEU A 119 -8.76 11.49 -8.10
C LEU A 119 -7.86 12.67 -8.51
N ASN A 120 -7.96 13.08 -9.77
CA ASN A 120 -7.13 14.16 -10.28
C ASN A 120 -7.39 15.47 -9.60
N ASP A 121 -8.64 15.66 -9.16
CA ASP A 121 -9.02 16.93 -8.53
C ASP A 121 -9.55 16.73 -7.11
N PHE A 122 -8.92 15.81 -6.38
CA PHE A 122 -9.20 15.69 -4.97
C PHE A 122 -9.08 17.02 -4.20
N THR A 123 -10.07 17.31 -3.33
CA THR A 123 -9.91 18.28 -2.23
C THR A 123 -10.71 17.74 -1.05
N LEU A 124 -10.50 18.30 0.14
CA LEU A 124 -11.28 17.86 1.28
C LEU A 124 -12.72 18.33 1.10
N ASP A 125 -12.92 19.36 0.27
CA ASP A 125 -14.30 19.81 -0.04
C ASP A 125 -15.06 18.76 -0.82
N VAL A 126 -14.40 18.07 -1.74
CA VAL A 126 -15.04 16.96 -2.46
C VAL A 126 -15.46 15.92 -1.45
N MET A 127 -14.61 15.60 -0.48
CA MET A 127 -14.97 14.57 0.53
C MET A 127 -16.13 15.02 1.43
N LYS A 128 -16.18 16.33 1.72
CA LYS A 128 -17.33 16.88 2.46
C LYS A 128 -18.65 16.65 1.70
N GLU A 129 -18.63 16.91 0.39
CA GLU A 129 -19.79 16.63 -0.48
C GLU A 129 -20.13 15.13 -0.52
N LEU A 130 -19.10 14.28 -0.56
CA LEU A 130 -19.35 12.84 -0.50
C LEU A 130 -20.01 12.43 0.82
N ILE A 131 -19.51 12.98 1.94
CA ILE A 131 -20.10 12.66 3.25
C ILE A 131 -21.57 13.07 3.29
N THR A 132 -21.87 14.24 2.73
CA THR A 132 -23.27 14.71 2.66
C THR A 132 -24.17 13.69 1.93
N LEU A 133 -23.72 13.22 0.77
CA LEU A 133 -24.46 12.17 0.01
C LEU A 133 -24.52 10.85 0.77
N ALA A 134 -23.43 10.49 1.46
CA ALA A 134 -23.41 9.24 2.27
C ALA A 134 -24.46 9.32 3.37
N LYS A 135 -24.57 10.49 4.03
CA LYS A 135 -25.60 10.70 5.06
C LYS A 135 -27.00 10.73 4.47
N CYS A 136 -27.18 11.39 3.33
CA CYS A 136 -28.49 11.53 2.70
C CYS A 136 -29.04 10.17 2.25
N HIS A 137 -28.22 9.44 1.49
CA HIS A 137 -28.62 8.13 0.91
C HIS A 137 -28.41 6.94 1.80
N GLU A 138 -27.66 7.14 2.88
CA GLU A 138 -27.31 6.09 3.86
C GLU A 138 -26.39 5.02 3.29
N PHE A 139 -25.12 5.36 3.13
CA PHE A 139 -24.09 4.34 2.82
C PHE A 139 -22.80 4.72 3.56
N LEU A 140 -21.92 3.74 3.75
CA LEU A 140 -20.62 4.03 4.36
C LEU A 140 -19.62 4.36 3.26
N ILE A 141 -18.58 5.12 3.64
CA ILE A 141 -17.47 5.42 2.73
C ILE A 141 -16.27 4.56 3.15
N PHE A 142 -15.69 3.83 2.19
CA PHE A 142 -14.57 2.91 2.45
C PHE A 142 -13.45 3.35 1.52
N GLU A 143 -12.36 3.88 2.08
CA GLU A 143 -11.16 4.18 1.30
C GLU A 143 -10.26 2.97 1.22
N ASP A 144 -10.04 2.51 -0.01
CA ASP A 144 -9.35 1.24 -0.29
C ASP A 144 -7.85 1.56 -0.44
N ARG A 145 -7.27 1.99 0.67
CA ARG A 145 -5.91 2.49 0.70
C ARG A 145 -4.90 1.35 0.87
N LYS A 146 -5.36 0.18 1.33
CA LYS A 146 -4.51 -0.98 1.51
C LYS A 146 -3.20 -0.60 2.23
N PHE A 147 -3.34 -0.06 3.42
CA PHE A 147 -2.20 0.28 4.28
C PHE A 147 -1.34 -0.98 4.41
N ALA A 148 -0.03 -0.81 4.29
CA ALA A 148 0.85 -1.98 4.19
C ALA A 148 2.26 -1.64 4.64
N ASP A 149 2.38 -0.69 5.56
CA ASP A 149 3.71 -0.22 6.03
C ASP A 149 3.83 -0.55 7.52
N ILE A 150 4.95 -0.16 8.14
CA ILE A 150 5.13 -0.41 9.58
C ILE A 150 4.14 0.49 10.32
N GLY A 151 3.83 0.14 11.55
CA GLY A 151 2.81 0.87 12.34
C GLY A 151 3.05 2.35 12.46
N ASN A 152 4.30 2.75 12.72
CA ASN A 152 4.61 4.16 12.87
C ASN A 152 4.30 4.98 11.61
N THR A 153 4.49 4.37 10.46
CA THR A 153 4.22 5.05 9.19
C THR A 153 2.73 5.08 8.85
N VAL A 154 2.03 3.94 8.98
CA VAL A 154 0.62 3.93 8.56
C VAL A 154 -0.22 4.87 9.41
N LYS A 155 0.17 5.06 10.67
CA LYS A 155 -0.53 6.03 11.52
C LYS A 155 -0.57 7.42 10.85
N LYS A 156 0.55 7.87 10.28
CA LYS A 156 0.59 9.20 9.62
C LYS A 156 -0.10 9.19 8.25
N GLN A 157 0.00 8.07 7.54
CA GLN A 157 -0.68 7.95 6.24
C GLN A 157 -2.19 7.97 6.35
N TYR A 158 -2.68 7.53 7.51
CA TYR A 158 -4.11 7.48 7.80
C TYR A 158 -4.64 8.82 8.30
N GLU A 159 -3.91 9.43 9.24
CA GLU A 159 -4.35 10.70 9.85
C GLU A 159 -4.07 11.92 9.00
N GLY A 160 -2.90 11.93 8.37
CA GLY A 160 -2.28 13.16 7.91
C GLY A 160 -2.19 13.30 6.42
N GLY A 161 -1.14 14.00 5.99
CA GLY A 161 -0.91 14.36 4.57
C GLY A 161 -2.04 15.18 3.98
N ILE A 162 -2.15 15.18 2.65
CA ILE A 162 -3.19 15.94 1.97
CA ILE A 162 -3.19 15.98 2.04
C ILE A 162 -4.57 15.29 2.12
N PHE A 163 -4.58 13.95 2.21
CA PHE A 163 -5.87 13.26 2.14
C PHE A 163 -6.66 13.25 3.44
N LYS A 164 -5.95 13.30 4.56
CA LYS A 164 -6.54 13.10 5.90
C LYS A 164 -7.62 12.03 5.87
N ILE A 165 -7.25 10.84 5.43
CA ILE A 165 -8.21 9.77 5.20
C ILE A 165 -9.14 9.53 6.41
N ALA A 166 -8.57 9.47 7.61
CA ALA A 166 -9.38 9.15 8.83
C ALA A 166 -10.49 10.16 9.06
N SER A 167 -10.34 11.37 8.53
CA SER A 167 -11.35 12.40 8.76
C SER A 167 -12.69 12.18 8.02
N TRP A 168 -12.67 11.38 6.96
CA TRP A 168 -13.87 11.22 6.13
C TRP A 168 -14.21 9.74 5.84
N ALA A 169 -13.25 8.83 6.04
CA ALA A 169 -13.52 7.40 5.69
C ALA A 169 -14.06 6.65 6.90
N ASP A 170 -15.23 6.03 6.76
CA ASP A 170 -15.77 5.17 7.83
C ASP A 170 -14.91 3.94 7.96
N LEU A 171 -14.47 3.41 6.81
CA LEU A 171 -13.70 2.16 6.78
C LEU A 171 -12.44 2.37 5.95
N VAL A 172 -11.36 1.72 6.39
CA VAL A 172 -10.18 1.52 5.51
C VAL A 172 -9.76 0.04 5.55
N ASN A 173 -8.78 -0.35 4.73
CA ASN A 173 -8.32 -1.73 4.77
C ASN A 173 -6.81 -1.76 4.89
N ALA A 174 -6.27 -2.91 5.28
CA ALA A 174 -4.82 -3.05 5.44
C ALA A 174 -4.41 -4.43 5.04
N HIS A 175 -3.20 -4.52 4.50
CA HIS A 175 -2.57 -5.80 4.29
C HIS A 175 -1.96 -6.24 5.61
N VAL A 176 -1.91 -7.57 5.81
CA VAL A 176 -1.38 -8.09 7.05
C VAL A 176 0.10 -8.42 7.00
N VAL A 177 0.70 -8.36 5.81
CA VAL A 177 2.12 -8.72 5.61
C VAL A 177 3.11 -8.06 6.60
N PRO A 178 2.86 -6.82 7.10
CA PRO A 178 3.88 -6.25 8.03
C PRO A 178 3.83 -6.82 9.45
N GLY A 179 2.87 -7.70 9.73
CA GLY A 179 2.60 -8.07 11.12
C GLY A 179 1.62 -7.08 11.75
N SER A 180 1.23 -7.36 13.00
CA SER A 180 0.10 -6.68 13.62
C SER A 180 0.35 -5.22 13.95
N GLY A 181 1.63 -4.79 13.94
CA GLY A 181 1.91 -3.38 14.06
C GLY A 181 1.14 -2.53 13.05
N VAL A 182 0.87 -3.06 11.85
CA VAL A 182 0.06 -2.27 10.88
C VAL A 182 -1.32 -1.92 11.46
N VAL A 183 -1.92 -2.88 12.15
CA VAL A 183 -3.23 -2.63 12.80
C VAL A 183 -3.08 -1.72 14.02
N LYS A 184 -2.08 -1.99 14.86
CA LYS A 184 -1.84 -1.14 16.03
C LYS A 184 -1.65 0.33 15.66
N GLY A 185 -0.90 0.59 14.58
CA GLY A 185 -0.71 1.95 14.11
C GLY A 185 -2.00 2.65 13.67
N LEU A 186 -2.80 1.94 12.87
CA LEU A 186 -4.04 2.51 12.38
C LEU A 186 -5.01 2.73 13.52
N GLN A 187 -5.03 1.80 14.46
CA GLN A 187 -6.02 1.85 15.52
C GLN A 187 -5.75 3.01 16.50
N GLU A 188 -4.50 3.45 16.60
CA GLU A 188 -4.18 4.65 17.42
C GLU A 188 -4.92 5.86 16.92
N VAL A 189 -5.15 5.91 15.61
CA VAL A 189 -5.89 7.00 14.98
C VAL A 189 -7.40 6.69 14.89
N GLY A 190 -7.72 5.47 14.49
CA GLY A 190 -9.10 5.10 14.18
C GLY A 190 -10.01 4.91 15.37
N LEU A 191 -9.45 4.44 16.48
CA LEU A 191 -10.30 4.16 17.66
C LEU A 191 -11.10 5.36 18.22
N PRO A 192 -10.45 6.51 18.54
CA PRO A 192 -11.29 7.62 19.06
C PRO A 192 -12.26 8.23 18.06
N LEU A 193 -11.92 8.10 16.78
CA LEU A 193 -12.80 8.51 15.69
C LEU A 193 -13.93 7.51 15.34
N HIS A 194 -14.02 6.41 16.09
CA HIS A 194 -15.04 5.37 15.87
C HIS A 194 -14.96 4.83 14.45
N ARG A 195 -13.75 4.68 13.90
CA ARG A 195 -13.59 4.05 12.57
C ARG A 195 -13.43 2.54 12.66
N GLY A 196 -13.57 1.87 11.50
CA GLY A 196 -13.32 0.41 11.39
C GLY A 196 -12.31 0.10 10.28
N CYS A 197 -11.72 -1.10 10.34
CA CYS A 197 -10.68 -1.54 9.43
C CYS A 197 -11.05 -2.93 8.93
N LEU A 198 -10.74 -3.22 7.67
CA LEU A 198 -10.91 -4.55 7.07
C LEU A 198 -9.51 -5.08 6.78
N LEU A 199 -9.25 -6.33 7.14
CA LEU A 199 -7.94 -6.91 6.83
C LEU A 199 -8.02 -7.74 5.57
N ILE A 200 -6.98 -7.64 4.75
CA ILE A 200 -7.01 -8.30 3.43
C ILE A 200 -6.53 -9.74 3.66
N ALA A 201 -7.48 -10.67 3.73
CA ALA A 201 -7.19 -12.10 3.95
C ALA A 201 -6.90 -12.90 2.69
N GLU A 202 -7.54 -12.49 1.57
CA GLU A 202 -7.36 -13.10 0.26
C GLU A 202 -7.45 -12.00 -0.77
N MET A 203 -6.79 -12.19 -1.91
CA MET A 203 -6.99 -11.28 -3.06
C MET A 203 -7.57 -11.98 -4.27
N SER A 204 -8.22 -11.21 -5.14
CA SER A 204 -8.86 -11.78 -6.33
C SER A 204 -7.91 -12.06 -7.50
N SER A 205 -6.71 -11.50 -7.45
CA SER A 205 -5.83 -11.43 -8.62
C SER A 205 -4.96 -12.68 -8.82
N THR A 206 -4.54 -12.88 -10.06
CA THR A 206 -3.80 -14.08 -10.44
C THR A 206 -2.46 -14.04 -9.74
N GLY A 207 -2.15 -15.12 -9.04
CA GLY A 207 -0.84 -15.27 -8.38
C GLY A 207 -0.81 -14.70 -6.98
N SER A 208 -1.97 -14.29 -6.45
CA SER A 208 -2.08 -13.82 -5.06
C SER A 208 -1.39 -14.77 -4.09
N LEU A 209 -0.60 -14.17 -3.18
CA LEU A 209 0.11 -14.94 -2.17
C LEU A 209 -0.68 -14.95 -0.88
N ALA A 210 -1.88 -14.36 -0.89
CA ALA A 210 -2.70 -14.29 0.29
C ALA A 210 -3.53 -15.59 0.38
N THR A 211 -2.86 -16.69 0.72
CA THR A 211 -3.47 -18.02 0.73
C THR A 211 -2.95 -18.74 1.98
N GLY A 212 -3.58 -19.87 2.32
CA GLY A 212 -3.03 -20.78 3.35
C GLY A 212 -2.75 -20.10 4.67
N ASP A 213 -1.50 -20.24 5.11
CA ASP A 213 -1.09 -19.72 6.42
C ASP A 213 -1.23 -18.21 6.48
N TYR A 214 -1.04 -17.57 5.34
CA TYR A 214 -1.16 -16.10 5.23
C TYR A 214 -2.59 -15.70 5.59
N THR A 215 -3.56 -16.35 4.94
CA THR A 215 -4.97 -16.11 5.24
C THR A 215 -5.29 -16.38 6.72
N ARG A 216 -4.74 -17.49 7.24
CA ARG A 216 -4.99 -17.82 8.63
C ARG A 216 -4.43 -16.74 9.56
N ALA A 217 -3.26 -16.21 9.21
CA ALA A 217 -2.66 -15.12 9.98
C ALA A 217 -3.59 -13.88 9.97
N ALA A 218 -4.23 -13.60 8.84
CA ALA A 218 -5.09 -12.43 8.75
C ALA A 218 -6.27 -12.59 9.68
N VAL A 219 -6.84 -13.79 9.73
CA VAL A 219 -8.00 -14.09 10.60
C VAL A 219 -7.62 -13.93 12.09
N ARG A 220 -6.47 -14.49 12.48
CA ARG A 220 -5.95 -14.36 13.84
CA ARG A 220 -5.99 -14.35 13.85
C ARG A 220 -5.76 -12.88 14.22
N MET A 221 -5.20 -12.12 13.29
CA MET A 221 -4.91 -10.72 13.56
C MET A 221 -6.22 -9.94 13.77
N ALA A 222 -7.23 -10.26 12.97
CA ALA A 222 -8.56 -9.67 13.13
C ALA A 222 -9.19 -9.98 14.50
N GLU A 223 -9.18 -11.27 14.88
CA GLU A 223 -9.69 -11.72 16.20
C GLU A 223 -9.02 -10.99 17.36
N GLU A 224 -7.71 -10.79 17.25
CA GLU A 224 -6.93 -10.15 18.30
C GLU A 224 -7.07 -8.63 18.36
N HIS A 225 -7.69 -8.03 17.33
CA HIS A 225 -7.84 -6.59 17.28
C HIS A 225 -9.28 -6.25 16.92
N SER A 226 -10.20 -7.01 17.51
CA SER A 226 -11.62 -6.88 17.18
C SER A 226 -12.28 -5.56 17.63
N GLU A 227 -11.58 -4.77 18.45
CA GLU A 227 -12.05 -3.45 18.82
C GLU A 227 -12.01 -2.47 17.62
N PHE A 228 -11.19 -2.79 16.62
CA PHE A 228 -10.98 -1.90 15.48
C PHE A 228 -11.25 -2.62 14.15
N VAL A 229 -10.87 -3.88 14.06
CA VAL A 229 -11.05 -4.68 12.82
C VAL A 229 -12.48 -5.22 12.79
N VAL A 230 -13.22 -4.85 11.74
CA VAL A 230 -14.63 -5.23 11.59
C VAL A 230 -14.89 -6.35 10.57
N GLY A 231 -13.84 -6.80 9.90
CA GLY A 231 -13.99 -7.86 8.93
C GLY A 231 -12.84 -7.94 7.95
N PHE A 232 -13.15 -8.48 6.76
CA PHE A 232 -12.10 -8.92 5.83
C PHE A 232 -12.42 -8.52 4.42
N ILE A 233 -11.37 -8.27 3.64
CA ILE A 233 -11.43 -8.41 2.20
C ILE A 233 -11.00 -9.85 1.91
N SER A 234 -11.86 -10.60 1.22
CA SER A 234 -11.57 -12.02 0.96
C SER A 234 -12.42 -12.48 -0.19
N GLY A 235 -12.12 -13.68 -0.70
CA GLY A 235 -12.92 -14.25 -1.78
C GLY A 235 -14.07 -15.11 -1.29
N SER A 236 -14.05 -15.45 0.00
CA SER A 236 -15.01 -16.38 0.59
C SER A 236 -15.09 -16.06 2.06
N ARG A 237 -16.05 -16.65 2.75
CA ARG A 237 -16.03 -16.65 4.20
C ARG A 237 -14.72 -17.24 4.73
N VAL A 238 -13.99 -16.48 5.55
CA VAL A 238 -12.74 -16.97 6.19
C VAL A 238 -12.83 -17.13 7.72
N SER A 239 -13.83 -16.49 8.33
CA SER A 239 -14.07 -16.59 9.77
C SER A 239 -15.48 -17.09 9.94
N MET A 240 -15.68 -17.96 10.94
CA MET A 240 -17.02 -18.43 11.30
C MET A 240 -17.74 -17.47 12.26
N LYS A 241 -17.04 -16.45 12.75
CA LYS A 241 -17.65 -15.47 13.67
C LYS A 241 -18.56 -14.52 12.90
N PRO A 242 -19.88 -14.51 13.23
CA PRO A 242 -20.79 -13.67 12.44
C PRO A 242 -20.66 -12.16 12.72
N GLU A 243 -19.85 -11.76 13.71
CA GLU A 243 -19.58 -10.35 13.95
C GLU A 243 -18.70 -9.75 12.85
N PHE A 244 -17.93 -10.56 12.16
CA PHE A 244 -17.05 -10.07 11.09
C PHE A 244 -17.75 -9.96 9.73
N LEU A 245 -17.48 -8.88 9.02
CA LEU A 245 -18.03 -8.73 7.67
C LEU A 245 -17.05 -9.36 6.68
N HIS A 246 -17.56 -9.91 5.58
CA HIS A 246 -16.73 -10.38 4.47
C HIS A 246 -17.12 -9.56 3.24
N LEU A 247 -16.16 -8.82 2.69
CA LEU A 247 -16.38 -8.05 1.46
C LEU A 247 -15.52 -8.65 0.37
N THR A 248 -16.11 -8.83 -0.83
CA THR A 248 -15.45 -9.52 -1.92
C THR A 248 -15.39 -8.72 -3.22
N PRO A 249 -14.17 -8.30 -3.61
CA PRO A 249 -13.94 -7.70 -4.92
C PRO A 249 -13.63 -8.79 -5.94
N GLY A 250 -13.43 -8.41 -7.20
CA GLY A 250 -13.25 -9.40 -8.29
C GLY A 250 -14.60 -10.04 -8.62
N VAL A 251 -15.61 -9.18 -8.78
CA VAL A 251 -17.00 -9.56 -9.04
C VAL A 251 -17.54 -8.97 -10.35
N GLN A 252 -18.06 -9.83 -11.22
CA GLN A 252 -18.83 -9.41 -12.41
C GLN A 252 -19.89 -10.44 -12.72
N LEU A 253 -20.95 -10.01 -13.41
CA LEU A 253 -21.99 -10.98 -13.80
C LEU A 253 -21.43 -11.99 -14.79
N GLU A 254 -20.55 -11.54 -15.68
CA GLU A 254 -19.94 -12.39 -16.70
C GLU A 254 -18.61 -12.97 -16.25
N ALA A 255 -18.29 -14.18 -16.74
CA ALA A 255 -16.95 -14.76 -16.51
C ALA A 255 -15.87 -13.91 -17.19
N GLY A 256 -14.66 -13.94 -16.63
CA GLY A 256 -13.54 -13.26 -17.28
C GLY A 256 -12.53 -12.73 -16.29
N GLY A 257 -11.85 -11.67 -16.70
CA GLY A 257 -10.79 -11.06 -15.89
C GLY A 257 -10.33 -9.89 -16.71
N ASP A 258 -9.24 -9.24 -16.33
CA ASP A 258 -8.70 -8.21 -17.20
C ASP A 258 -7.32 -8.64 -17.69
N ASN A 259 -6.59 -7.72 -18.30
CA ASN A 259 -5.30 -8.08 -18.86
C ASN A 259 -4.15 -7.84 -17.88
N LEU A 260 -4.53 -7.53 -16.65
CA LEU A 260 -3.55 -7.27 -15.61
C LEU A 260 -3.84 -8.05 -14.34
N GLY A 261 -4.29 -9.30 -14.51
CA GLY A 261 -4.38 -10.22 -13.40
C GLY A 261 -5.68 -10.23 -12.61
N GLN A 262 -6.61 -9.33 -12.91
CA GLN A 262 -7.92 -9.43 -12.24
C GLN A 262 -8.69 -10.66 -12.71
N GLN A 263 -9.39 -11.31 -11.77
CA GLN A 263 -10.25 -12.47 -12.07
C GLN A 263 -11.63 -12.24 -11.48
N TYR A 264 -12.67 -12.59 -12.25
CA TYR A 264 -14.03 -12.36 -11.78
C TYR A 264 -14.79 -13.63 -11.43
N ASN A 265 -15.63 -13.50 -10.41
CA ASN A 265 -16.65 -14.48 -10.11
C ASN A 265 -17.99 -13.76 -9.95
N SER A 266 -19.09 -14.49 -10.07
CA SER A 266 -20.42 -13.87 -10.04
C SER A 266 -20.89 -13.61 -8.62
N PRO A 267 -21.83 -12.67 -8.47
CA PRO A 267 -22.47 -12.47 -7.17
C PRO A 267 -23.07 -13.74 -6.60
N GLN A 268 -23.71 -14.54 -7.45
CA GLN A 268 -24.29 -15.79 -6.95
C GLN A 268 -23.21 -16.72 -6.41
N GLU A 269 -22.09 -16.84 -7.11
CA GLU A 269 -20.97 -17.66 -6.63
C GLU A 269 -20.40 -17.13 -5.30
N VAL A 270 -20.14 -15.83 -5.27
CA VAL A 270 -19.44 -15.20 -4.16
C VAL A 270 -20.32 -15.11 -2.91
N ILE A 271 -21.58 -14.72 -3.09
CA ILE A 271 -22.47 -14.52 -1.94
C ILE A 271 -23.14 -15.87 -1.64
N GLY A 272 -23.61 -16.54 -2.69
CA GLY A 272 -24.39 -17.78 -2.56
C GLY A 272 -23.61 -18.99 -2.11
N LYS A 273 -22.51 -19.29 -2.79
CA LYS A 273 -21.72 -20.49 -2.57
C LYS A 273 -20.47 -20.28 -1.71
N ARG A 274 -19.89 -19.09 -1.76
CA ARG A 274 -18.65 -18.81 -1.02
C ARG A 274 -18.90 -18.10 0.31
N GLY A 275 -20.15 -17.69 0.54
CA GLY A 275 -20.59 -17.19 1.85
C GLY A 275 -20.08 -15.81 2.25
N SER A 276 -19.67 -15.01 1.27
CA SER A 276 -19.32 -13.61 1.55
C SER A 276 -20.56 -12.72 1.79
N ASP A 277 -20.37 -11.54 2.40
CA ASP A 277 -21.51 -10.66 2.73
C ASP A 277 -21.83 -9.60 1.69
N ILE A 278 -20.77 -9.00 1.13
CA ILE A 278 -20.93 -7.80 0.31
C ILE A 278 -20.08 -7.98 -0.94
N ILE A 279 -20.63 -7.65 -2.10
CA ILE A 279 -19.81 -7.63 -3.31
C ILE A 279 -19.30 -6.21 -3.58
N ILE A 280 -18.03 -6.15 -3.96
CA ILE A 280 -17.40 -4.90 -4.39
C ILE A 280 -17.27 -4.94 -5.91
N VAL A 281 -17.94 -3.99 -6.57
CA VAL A 281 -18.04 -4.03 -8.04
C VAL A 281 -17.60 -2.69 -8.61
N GLY A 282 -16.57 -2.75 -9.47
CA GLY A 282 -16.01 -1.59 -10.17
C GLY A 282 -16.48 -1.54 -11.62
N ARG A 283 -15.62 -2.00 -12.54
CA ARG A 283 -15.92 -1.93 -13.99
C ARG A 283 -17.24 -2.57 -14.40
N GLY A 284 -17.69 -3.61 -13.68
CA GLY A 284 -19.02 -4.21 -13.99
C GLY A 284 -20.15 -3.17 -13.98
N ILE A 285 -20.01 -2.15 -13.14
CA ILE A 285 -20.94 -1.05 -13.11
C ILE A 285 -20.42 0.17 -13.87
N ILE A 286 -19.20 0.62 -13.54
CA ILE A 286 -18.67 1.88 -14.04
C ILE A 286 -18.61 1.93 -15.57
N SER A 287 -18.32 0.80 -16.19
CA SER A 287 -18.15 0.76 -17.65
C SER A 287 -19.49 0.69 -18.39
N ALA A 288 -20.60 0.48 -17.68
CA ALA A 288 -21.91 0.40 -18.33
C ALA A 288 -22.33 1.80 -18.82
N ALA A 289 -23.14 1.87 -19.88
CA ALA A 289 -23.69 3.16 -20.27
C ALA A 289 -24.55 3.73 -19.15
N ASP A 290 -25.48 2.92 -18.65
CA ASP A 290 -26.37 3.36 -17.57
C ASP A 290 -25.90 2.71 -16.26
N ARG A 291 -25.19 3.47 -15.45
CA ARG A 291 -24.61 2.92 -14.22
C ARG A 291 -25.68 2.62 -13.17
N LEU A 292 -26.83 3.27 -13.27
CA LEU A 292 -27.88 3.04 -12.30
C LEU A 292 -28.52 1.68 -12.59
N GLU A 293 -28.82 1.41 -13.86
CA GLU A 293 -29.37 0.12 -14.20
C GLU A 293 -28.40 -1.00 -13.82
N ALA A 294 -27.11 -0.77 -14.07
CA ALA A 294 -26.10 -1.79 -13.78
C ALA A 294 -26.02 -2.04 -12.26
N ALA A 295 -26.04 -0.96 -11.46
CA ALA A 295 -25.99 -1.12 -10.00
C ALA A 295 -27.21 -1.90 -9.49
N GLU A 296 -28.36 -1.63 -10.06
CA GLU A 296 -29.55 -2.38 -9.66
C GLU A 296 -29.44 -3.85 -10.01
N MET A 297 -28.85 -4.17 -11.17
CA MET A 297 -28.65 -5.57 -11.54
CA MET A 297 -28.65 -5.57 -11.54
C MET A 297 -27.78 -6.26 -10.51
N TYR A 298 -26.67 -5.60 -10.12
CA TYR A 298 -25.76 -6.16 -9.12
C TYR A 298 -26.40 -6.23 -7.74
N ARG A 299 -27.17 -5.20 -7.37
CA ARG A 299 -27.85 -5.19 -6.08
C ARG A 299 -28.80 -6.40 -5.98
N LYS A 300 -29.67 -6.55 -6.96
CA LYS A 300 -30.62 -7.68 -6.94
C LYS A 300 -29.94 -9.03 -6.91
N ALA A 301 -28.89 -9.18 -7.73
CA ALA A 301 -28.11 -10.42 -7.74
C ALA A 301 -27.54 -10.74 -6.36
N ALA A 302 -26.87 -9.76 -5.75
CA ALA A 302 -26.21 -10.04 -4.49
C ALA A 302 -27.23 -10.22 -3.36
N TRP A 303 -28.31 -9.44 -3.39
CA TRP A 303 -29.32 -9.49 -2.34
C TRP A 303 -30.08 -10.82 -2.39
N GLU A 304 -30.54 -11.21 -3.57
CA GLU A 304 -31.20 -12.52 -3.72
C GLU A 304 -30.32 -13.73 -3.37
N ALA A 305 -29.02 -13.65 -3.73
CA ALA A 305 -28.08 -14.69 -3.38
C ALA A 305 -28.01 -14.81 -1.85
N TYR A 306 -28.03 -13.67 -1.17
CA TYR A 306 -27.98 -13.67 0.30
C TYR A 306 -29.25 -14.28 0.90
N LEU A 307 -30.41 -13.85 0.42
CA LEU A 307 -31.69 -14.41 0.86
C LEU A 307 -31.76 -15.94 0.65
N SER A 308 -31.22 -16.41 -0.46
CA SER A 308 -31.12 -17.85 -0.75
C SER A 308 -30.28 -18.60 0.29
N ARG A 309 -29.21 -17.97 0.77
CA ARG A 309 -28.30 -18.57 1.76
C ARG A 309 -28.94 -18.64 3.15
N LEU A 310 -29.83 -17.70 3.45
CA LEU A 310 -30.58 -17.70 4.70
C LEU A 310 -31.56 -18.87 4.73
N GLY A 311 -32.11 -19.20 3.56
CA GLY A 311 -33.09 -20.28 3.42
C GLY A 311 -34.45 -19.75 2.98
N GLU B 56 32.77 -11.14 -5.11
CA GLU B 56 31.95 -9.88 -5.01
C GLU B 56 32.52 -8.73 -5.82
N LEU B 57 31.65 -8.07 -6.58
CA LEU B 57 32.03 -6.92 -7.41
C LEU B 57 31.76 -5.60 -6.69
N SER B 58 32.58 -4.58 -6.94
CA SER B 58 32.36 -3.25 -6.38
C SER B 58 31.04 -2.69 -6.93
N PHE B 59 30.51 -1.65 -6.28
CA PHE B 59 29.32 -0.98 -6.86
C PHE B 59 29.64 -0.45 -8.27
N GLY B 60 30.83 0.14 -8.45
CA GLY B 60 31.22 0.69 -9.77
C GLY B 60 31.23 -0.38 -10.87
N ALA B 61 31.72 -1.57 -10.53
CA ALA B 61 31.71 -2.67 -11.51
C ALA B 61 30.31 -3.21 -11.76
N ARG B 62 29.49 -3.26 -10.71
CA ARG B 62 28.11 -3.74 -10.87
C ARG B 62 27.30 -2.78 -11.76
N ALA B 63 27.64 -1.48 -11.70
CA ALA B 63 27.02 -0.44 -12.56
C ALA B 63 27.22 -0.73 -14.04
N GLU B 64 28.26 -1.48 -14.37
CA GLU B 64 28.58 -1.85 -15.77
C GLU B 64 28.08 -3.21 -16.24
N LEU B 65 27.36 -3.96 -15.41
CA LEU B 65 27.03 -5.33 -15.74
C LEU B 65 26.13 -5.32 -16.99
N PRO B 66 26.27 -6.33 -17.85
CA PRO B 66 25.48 -6.32 -19.12
C PRO B 66 23.95 -6.17 -18.90
N ARG B 67 23.42 -6.89 -17.92
CA ARG B 67 21.96 -6.92 -17.66
C ARG B 67 21.51 -5.85 -16.65
N ILE B 68 22.41 -4.95 -16.23
CA ILE B 68 22.05 -3.87 -15.28
C ILE B 68 20.95 -2.95 -15.83
N HIS B 69 19.97 -2.63 -14.98
CA HIS B 69 18.97 -1.62 -15.35
C HIS B 69 19.59 -0.21 -15.29
N PRO B 70 19.26 0.67 -16.24
CA PRO B 70 19.86 1.99 -16.27
C PRO B 70 19.70 2.81 -14.96
N VAL B 71 18.61 2.59 -14.23
CA VAL B 71 18.38 3.32 -12.99
C VAL B 71 19.34 2.78 -11.92
N ALA B 72 19.50 1.45 -11.92
CA ALA B 72 20.41 0.81 -10.97
C ALA B 72 21.84 1.24 -11.29
N SER B 73 22.14 1.35 -12.58
CA SER B 73 23.50 1.73 -12.97
C SER B 73 23.82 3.15 -12.52
N LYS B 74 22.87 4.07 -12.71
CA LYS B 74 23.05 5.44 -12.26
C LYS B 74 23.28 5.50 -10.72
N LEU B 75 22.46 4.78 -9.97
CA LEU B 75 22.58 4.72 -8.51
C LEU B 75 23.96 4.17 -8.09
N LEU B 76 24.34 3.02 -8.67
CA LEU B 76 25.61 2.37 -8.31
C LEU B 76 26.81 3.25 -8.62
N ARG B 77 26.79 3.92 -9.78
CA ARG B 77 27.86 4.92 -10.07
C ARG B 77 27.97 6.04 -9.07
N LEU B 78 26.84 6.64 -8.66
CA LEU B 78 26.94 7.72 -7.68
C LEU B 78 27.32 7.21 -6.29
N MET B 79 26.92 5.98 -5.96
CA MET B 79 27.35 5.35 -4.69
C MET B 79 28.88 5.25 -4.65
N GLN B 80 29.47 4.77 -5.74
CA GLN B 80 30.93 4.68 -5.91
CA GLN B 80 30.92 4.66 -5.77
C GLN B 80 31.59 6.05 -5.78
N LYS B 81 31.06 6.99 -6.55
CA LYS B 81 31.61 8.35 -6.67
C LYS B 81 31.62 9.07 -5.33
N LYS B 82 30.50 8.96 -4.60
CA LYS B 82 30.32 9.71 -3.36
C LYS B 82 30.67 8.93 -2.09
N GLU B 83 31.05 7.67 -2.25
CA GLU B 83 31.31 6.74 -1.12
C GLU B 83 30.14 6.71 -0.14
N THR B 84 28.96 6.47 -0.70
CA THR B 84 27.79 6.38 0.18
C THR B 84 26.83 5.33 -0.30
N ASN B 85 26.44 4.49 0.65
CA ASN B 85 25.35 3.56 0.44
C ASN B 85 24.29 3.78 1.51
N LEU B 86 24.11 5.05 1.87
CA LEU B 86 23.05 5.47 2.80
C LEU B 86 21.84 6.08 2.06
N CYS B 87 20.64 5.55 2.35
CA CYS B 87 19.38 6.16 1.87
C CYS B 87 18.71 6.85 3.07
N LEU B 88 18.50 8.16 2.99
CA LEU B 88 17.80 8.88 4.06
C LEU B 88 16.29 8.66 3.91
N SER B 89 15.64 8.23 5.00
CA SER B 89 14.18 8.15 5.07
C SER B 89 13.68 9.48 5.65
N ALA B 90 13.20 10.36 4.75
CA ALA B 90 12.89 11.75 5.06
C ALA B 90 11.43 11.84 5.54
N ASP B 91 11.19 11.26 6.72
CA ASP B 91 9.84 11.11 7.23
C ASP B 91 9.46 12.34 8.00
N VAL B 92 8.95 13.32 7.26
CA VAL B 92 8.60 14.64 7.81
C VAL B 92 7.27 15.03 7.22
N SER B 93 6.59 15.96 7.92
CA SER B 93 5.23 16.36 7.59
C SER B 93 5.16 17.61 6.73
N LEU B 94 6.28 18.35 6.60
CA LEU B 94 6.27 19.64 5.88
C LEU B 94 7.20 19.70 4.68
N ALA B 95 6.73 20.26 3.56
CA ALA B 95 7.59 20.41 2.39
C ALA B 95 8.92 21.08 2.73
N ARG B 96 8.90 22.11 3.56
CA ARG B 96 10.14 22.86 3.78
C ARG B 96 11.18 22.00 4.49
N GLU B 97 10.71 21.14 5.41
CA GLU B 97 11.55 20.20 6.14
C GLU B 97 12.13 19.15 5.21
N LEU B 98 11.33 18.67 4.27
CA LEU B 98 11.79 17.66 3.29
C LEU B 98 12.93 18.26 2.46
N LEU B 99 12.70 19.49 1.99
CA LEU B 99 13.70 20.17 1.14
C LEU B 99 14.94 20.61 1.93
N GLN B 100 14.75 21.12 3.14
CA GLN B 100 15.90 21.46 3.99
C GLN B 100 16.81 20.25 4.26
N LEU B 101 16.19 19.12 4.63
CA LEU B 101 16.95 17.91 4.89
C LEU B 101 17.61 17.33 3.63
N ALA B 102 16.90 17.34 2.51
CA ALA B 102 17.45 16.87 1.23
C ALA B 102 18.69 17.70 0.83
N ASP B 103 18.61 19.02 1.02
CA ASP B 103 19.74 19.89 0.69
C ASP B 103 20.93 19.68 1.63
N ALA B 104 20.69 19.70 2.94
CA ALA B 104 21.74 19.54 3.95
C ALA B 104 22.42 18.19 3.89
N LEU B 105 21.63 17.14 3.67
CA LEU B 105 22.17 15.77 3.74
C LEU B 105 22.48 15.18 2.39
N GLY B 106 22.07 15.89 1.34
CA GLY B 106 22.31 15.47 -0.04
C GLY B 106 23.70 14.91 -0.29
N PRO B 107 24.75 15.62 0.16
CA PRO B 107 26.12 15.12 -0.10
C PRO B 107 26.45 13.75 0.54
N SER B 108 25.72 13.41 1.60
CA SER B 108 26.00 12.21 2.39
C SER B 108 25.23 10.99 1.91
N ILE B 109 24.26 11.18 1.00
CA ILE B 109 23.32 10.09 0.66
C ILE B 109 23.37 9.68 -0.81
N CYS B 110 23.04 8.41 -1.09
CA CYS B 110 22.88 7.97 -2.46
C CYS B 110 21.40 8.08 -2.88
N MET B 111 20.53 8.27 -1.90
CA MET B 111 19.10 8.16 -2.18
C MET B 111 18.31 8.84 -1.11
N LEU B 112 17.20 9.47 -1.51
CA LEU B 112 16.28 10.12 -0.56
C LEU B 112 14.94 9.39 -0.74
N LYS B 113 14.42 8.82 0.35
CA LYS B 113 13.19 8.04 0.30
C LYS B 113 12.09 8.91 0.88
N THR B 114 10.98 9.03 0.15
CA THR B 114 9.89 9.89 0.52
C THR B 114 8.67 9.05 0.90
N HIS B 115 7.81 9.61 1.76
CA HIS B 115 6.39 9.19 1.83
C HIS B 115 5.59 10.45 1.49
N VAL B 116 5.30 10.65 0.21
CA VAL B 116 4.70 11.93 -0.12
CA VAL B 116 4.64 11.84 -0.28
C VAL B 116 3.27 12.05 0.40
N ASP B 117 2.67 10.93 0.78
CA ASP B 117 1.31 10.98 1.33
C ASP B 117 1.23 11.39 2.79
N ILE B 118 2.37 11.71 3.39
N ILE B 118 2.36 11.69 3.42
CA ILE B 118 2.44 12.24 4.74
CA ILE B 118 2.29 12.30 4.73
C ILE B 118 2.81 13.75 4.74
C ILE B 118 2.67 13.80 4.73
N LEU B 119 3.03 14.33 3.56
CA LEU B 119 3.34 15.77 3.45
C LEU B 119 2.07 16.59 3.57
N ASN B 120 1.93 17.36 4.65
CA ASN B 120 0.69 18.14 4.87
C ASN B 120 0.46 19.16 3.76
N ASP B 121 1.54 19.59 3.12
CA ASP B 121 1.48 20.64 2.11
C ASP B 121 2.14 20.21 0.79
N PHE B 122 1.95 18.96 0.39
CA PHE B 122 2.42 18.53 -0.91
C PHE B 122 1.89 19.39 -2.02
N THR B 123 2.77 19.73 -2.97
CA THR B 123 2.37 20.12 -4.31
C THR B 123 3.40 19.55 -5.25
N LEU B 124 3.11 19.52 -6.55
CA LEU B 124 4.06 19.05 -7.53
C LEU B 124 5.24 20.01 -7.62
N ASP B 125 5.03 21.24 -7.21
CA ASP B 125 6.16 22.16 -7.13
C ASP B 125 7.21 21.78 -6.09
N VAL B 126 6.76 21.22 -4.97
CA VAL B 126 7.68 20.71 -3.96
C VAL B 126 8.56 19.63 -4.63
N MET B 127 7.94 18.77 -5.44
CA MET B 127 8.68 17.65 -6.08
C MET B 127 9.60 18.16 -7.20
N LYS B 128 9.16 19.19 -7.94
CA LYS B 128 10.05 19.81 -8.89
C LYS B 128 11.33 20.32 -8.23
N GLU B 129 11.19 20.94 -7.05
CA GLU B 129 12.33 21.44 -6.28
C GLU B 129 13.17 20.29 -5.70
N LEU B 130 12.51 19.24 -5.22
CA LEU B 130 13.27 18.05 -4.80
C LEU B 130 14.18 17.48 -5.92
N ILE B 131 13.68 17.44 -7.15
CA ILE B 131 14.43 16.92 -8.32
C ILE B 131 15.66 17.79 -8.60
N THR B 132 15.49 19.11 -8.45
CA THR B 132 16.62 20.07 -8.53
C THR B 132 17.72 19.70 -7.53
N LEU B 133 17.34 19.42 -6.28
CA LEU B 133 18.30 19.05 -5.24
C LEU B 133 18.95 17.70 -5.53
N ALA B 134 18.13 16.75 -5.99
CA ALA B 134 18.60 15.41 -6.41
C ALA B 134 19.66 15.49 -7.52
N LYS B 135 19.40 16.36 -8.50
CA LYS B 135 20.33 16.51 -9.60
C LYS B 135 21.61 17.20 -9.15
N CYS B 136 21.49 18.19 -8.27
CA CYS B 136 22.63 18.97 -7.81
C CYS B 136 23.56 18.13 -6.93
N HIS B 137 22.98 17.48 -5.91
CA HIS B 137 23.73 16.67 -4.97
C HIS B 137 24.03 15.24 -5.44
N GLU B 138 23.34 14.80 -6.49
CA GLU B 138 23.44 13.44 -7.05
C GLU B 138 22.94 12.37 -6.08
N PHE B 139 21.63 12.31 -5.95
CA PHE B 139 20.96 11.20 -5.28
C PHE B 139 19.69 10.86 -6.05
N LEU B 140 19.21 9.62 -5.91
CA LEU B 140 17.93 9.22 -6.52
C LEU B 140 16.82 9.48 -5.56
N ILE B 141 15.61 9.65 -6.10
CA ILE B 141 14.42 9.81 -5.27
C ILE B 141 13.62 8.49 -5.31
N PHE B 142 13.33 7.95 -4.12
CA PHE B 142 12.61 6.68 -4.00
C PHE B 142 11.33 6.96 -3.22
N GLU B 143 10.17 6.89 -3.89
CA GLU B 143 8.90 7.07 -3.17
C GLU B 143 8.45 5.70 -2.63
N ASP B 144 8.38 5.64 -1.29
CA ASP B 144 8.09 4.40 -0.52
C ASP B 144 6.58 4.18 -0.43
N ARG B 145 5.97 4.02 -1.60
CA ARG B 145 4.53 3.93 -1.73
C ARG B 145 3.98 2.52 -1.46
N LYS B 146 4.85 1.51 -1.53
CA LYS B 146 4.41 0.10 -1.28
C LYS B 146 3.13 -0.23 -2.04
N PHE B 147 3.14 -0.03 -3.36
CA PHE B 147 1.98 -0.41 -4.18
C PHE B 147 1.59 -1.86 -3.86
N ALA B 148 0.30 -2.12 -3.75
CA ALA B 148 -0.13 -3.41 -3.19
C ALA B 148 -1.55 -3.74 -3.65
N ASP B 149 -1.91 -3.25 -4.83
CA ASP B 149 -3.29 -3.44 -5.34
C ASP B 149 -3.20 -4.28 -6.62
N ILE B 150 -4.34 -4.58 -7.23
CA ILE B 150 -4.32 -5.21 -8.55
C ILE B 150 -3.67 -4.31 -9.59
N GLY B 151 -3.17 -4.92 -10.67
CA GLY B 151 -2.43 -4.22 -11.71
C GLY B 151 -3.17 -3.04 -12.29
N ASN B 152 -4.46 -3.23 -12.60
CA ASN B 152 -5.22 -2.12 -13.17
C ASN B 152 -5.27 -0.86 -12.27
N THR B 153 -5.34 -1.09 -10.95
CA THR B 153 -5.41 0.00 -10.00
C THR B 153 -4.04 0.67 -9.79
N VAL B 154 -3.01 -0.13 -9.52
CA VAL B 154 -1.69 0.46 -9.24
C VAL B 154 -1.17 1.33 -10.38
N LYS B 155 -1.50 0.94 -11.62
CA LYS B 155 -1.14 1.75 -12.80
C LYS B 155 -1.59 3.23 -12.65
N LYS B 156 -2.86 3.41 -12.29
CA LYS B 156 -3.43 4.72 -11.98
C LYS B 156 -2.86 5.39 -10.76
N GLN B 157 -2.62 4.61 -9.69
CA GLN B 157 -2.02 5.20 -8.47
C GLN B 157 -0.59 5.66 -8.68
N TYR B 158 0.11 5.04 -9.63
CA TYR B 158 1.48 5.41 -9.97
C TYR B 158 1.59 6.62 -10.90
N GLU B 159 0.76 6.66 -11.93
CA GLU B 159 0.81 7.72 -12.95
C GLU B 159 0.03 8.98 -12.55
N GLY B 160 -1.08 8.76 -11.87
CA GLY B 160 -2.15 9.79 -11.82
C GLY B 160 -2.41 10.36 -10.44
N GLY B 161 -3.67 10.77 -10.25
CA GLY B 161 -4.09 11.41 -9.01
C GLY B 161 -3.33 12.70 -8.75
N ILE B 162 -3.33 13.16 -7.50
CA ILE B 162 -2.66 14.42 -7.15
CA ILE B 162 -2.65 14.42 -7.23
C ILE B 162 -1.13 14.26 -7.18
N PHE B 163 -0.64 13.09 -6.80
CA PHE B 163 0.83 12.95 -6.60
C PHE B 163 1.66 12.78 -7.86
N LYS B 164 1.07 12.20 -8.90
CA LYS B 164 1.75 11.82 -10.16
C LYS B 164 3.13 11.22 -9.88
N ILE B 165 3.15 10.21 -9.03
CA ILE B 165 4.41 9.70 -8.49
C ILE B 165 5.45 9.39 -9.59
N ALA B 166 5.00 8.75 -10.66
CA ALA B 166 5.90 8.35 -11.76
C ALA B 166 6.60 9.53 -12.44
N SER B 167 6.07 10.74 -12.25
CA SER B 167 6.63 11.96 -12.87
CA SER B 167 6.65 11.95 -12.87
C SER B 167 7.90 12.45 -12.15
N TRP B 168 8.14 12.01 -10.91
CA TRP B 168 9.32 12.48 -10.18
C TRP B 168 10.13 11.42 -9.42
N ALA B 169 9.54 10.25 -9.18
CA ALA B 169 10.26 9.20 -8.43
C ALA B 169 11.09 8.32 -9.36
N ASP B 170 12.40 8.29 -9.14
CA ASP B 170 13.25 7.38 -9.87
C ASP B 170 12.86 5.95 -9.56
N LEU B 171 12.59 5.68 -8.28
CA LEU B 171 12.25 4.35 -7.84
C LEU B 171 10.95 4.39 -7.02
N VAL B 172 10.22 3.29 -7.10
CA VAL B 172 9.11 3.00 -6.19
C VAL B 172 9.26 1.55 -5.73
N ASN B 173 8.42 1.16 -4.79
CA ASN B 173 8.42 -0.25 -4.36
C ASN B 173 7.04 -0.83 -4.40
N ALA B 174 6.93 -2.15 -4.36
CA ALA B 174 5.63 -2.78 -4.38
C ALA B 174 5.69 -4.05 -3.53
N HIS B 175 4.56 -4.39 -2.91
CA HIS B 175 4.39 -5.70 -2.27
C HIS B 175 4.01 -6.71 -3.33
N VAL B 176 4.46 -7.96 -3.13
CA VAL B 176 4.25 -9.00 -4.13
C VAL B 176 2.96 -9.80 -3.88
N VAL B 177 2.31 -9.53 -2.76
CA VAL B 177 1.09 -10.27 -2.35
C VAL B 177 -0.05 -10.36 -3.41
N PRO B 178 -0.23 -9.31 -4.26
CA PRO B 178 -1.29 -9.45 -5.29
C PRO B 178 -0.95 -10.41 -6.45
N GLY B 179 0.28 -10.91 -6.50
CA GLY B 179 0.72 -11.65 -7.71
C GLY B 179 1.35 -10.70 -8.69
N SER B 180 1.91 -11.23 -9.80
CA SER B 180 2.76 -10.43 -10.67
C SER B 180 2.04 -9.31 -11.40
N GLY B 181 0.71 -9.34 -11.42
CA GLY B 181 -0.07 -8.24 -12.00
C GLY B 181 0.30 -6.89 -11.39
N VAL B 182 0.71 -6.89 -10.12
CA VAL B 182 1.12 -5.61 -9.51
C VAL B 182 2.31 -5.03 -10.28
N VAL B 183 3.28 -5.88 -10.66
CA VAL B 183 4.43 -5.41 -11.44
C VAL B 183 4.06 -5.03 -12.88
N LYS B 184 3.20 -5.86 -13.50
CA LYS B 184 2.78 -5.61 -14.89
C LYS B 184 2.05 -4.27 -15.03
N GLY B 185 1.17 -3.97 -14.07
CA GLY B 185 0.51 -2.66 -14.03
C GLY B 185 1.50 -1.49 -13.87
N LEU B 186 2.39 -1.57 -12.88
CA LEU B 186 3.34 -0.49 -12.66
C LEU B 186 4.24 -0.29 -13.88
N GLN B 187 4.65 -1.37 -14.50
CA GLN B 187 5.63 -1.25 -15.57
C GLN B 187 5.05 -0.64 -16.84
N GLU B 188 3.74 -0.79 -17.04
CA GLU B 188 3.08 -0.03 -18.12
C GLU B 188 3.32 1.49 -18.06
N VAL B 189 3.43 2.03 -16.84
CA VAL B 189 3.74 3.44 -16.62
C VAL B 189 5.26 3.68 -16.48
N GLY B 190 5.90 2.79 -15.70
CA GLY B 190 7.30 2.89 -15.33
C GLY B 190 8.28 2.77 -16.49
N LEU B 191 8.03 1.84 -17.40
CA LEU B 191 8.99 1.59 -18.50
C LEU B 191 9.09 2.78 -19.48
N PRO B 192 7.96 3.31 -19.96
CA PRO B 192 8.08 4.54 -20.78
C PRO B 192 8.79 5.71 -20.08
N LEU B 193 8.64 5.84 -18.76
CA LEU B 193 9.25 6.93 -17.98
C LEU B 193 10.62 6.55 -17.41
N HIS B 194 11.17 5.43 -17.88
CA HIS B 194 12.57 5.08 -17.59
C HIS B 194 12.82 4.92 -16.09
N ARG B 195 11.79 4.43 -15.38
CA ARG B 195 11.85 4.24 -13.91
C ARG B 195 12.21 2.81 -13.51
N GLY B 196 12.50 2.61 -12.22
CA GLY B 196 12.70 1.24 -11.67
C GLY B 196 11.81 0.97 -10.47
N CYS B 197 11.75 -0.29 -10.07
CA CYS B 197 10.87 -0.74 -9.01
C CYS B 197 11.62 -1.73 -8.12
N LEU B 198 11.37 -1.63 -6.81
CA LEU B 198 11.92 -2.59 -5.85
C LEU B 198 10.77 -3.45 -5.31
N LEU B 199 11.00 -4.75 -5.20
CA LEU B 199 9.96 -5.63 -4.66
C LEU B 199 10.24 -5.95 -3.20
N ILE B 200 9.19 -5.92 -2.38
CA ILE B 200 9.37 -6.08 -0.92
C ILE B 200 9.40 -7.60 -0.59
N ALA B 201 10.63 -8.09 -0.37
CA ALA B 201 10.88 -9.54 -0.19
C ALA B 201 10.84 -9.96 1.28
N GLU B 202 11.19 -8.99 2.15
CA GLU B 202 11.14 -9.17 3.61
C GLU B 202 10.82 -7.81 4.20
N MET B 203 10.22 -7.82 5.39
CA MET B 203 9.99 -6.61 6.17
C MET B 203 10.71 -6.65 7.52
N SER B 204 11.02 -5.46 8.06
CA SER B 204 11.78 -5.39 9.32
C SER B 204 10.89 -5.54 10.57
N SER B 205 9.57 -5.51 10.37
CA SER B 205 8.62 -5.35 11.48
C SER B 205 8.25 -6.69 12.14
N THR B 206 7.87 -6.60 13.41
CA THR B 206 7.56 -7.80 14.19
CA THR B 206 7.53 -7.76 14.23
C THR B 206 6.31 -8.47 13.64
N GLY B 207 6.43 -9.77 13.37
CA GLY B 207 5.29 -10.52 12.83
C GLY B 207 5.15 -10.48 11.33
N SER B 208 6.12 -9.86 10.65
CA SER B 208 6.19 -9.88 9.18
C SER B 208 5.91 -11.28 8.60
N LEU B 209 5.02 -11.31 7.60
CA LEU B 209 4.68 -12.54 6.88
C LEU B 209 5.51 -12.73 5.59
N ALA B 210 6.43 -11.79 5.33
CA ALA B 210 7.25 -11.83 4.12
C ALA B 210 8.48 -12.71 4.42
N THR B 211 8.23 -14.01 4.51
CA THR B 211 9.25 -15.00 4.91
C THR B 211 9.10 -16.24 4.04
N GLY B 212 10.10 -17.11 4.05
CA GLY B 212 9.97 -18.40 3.38
C GLY B 212 9.53 -18.33 1.93
N ASP B 213 8.46 -19.05 1.60
CA ASP B 213 7.97 -19.15 0.22
C ASP B 213 7.53 -17.78 -0.35
N TYR B 214 7.12 -16.89 0.55
CA TYR B 214 6.67 -15.55 0.15
C TYR B 214 7.90 -14.80 -0.37
N THR B 215 9.00 -14.89 0.37
CA THR B 215 10.24 -14.26 -0.06
C THR B 215 10.70 -14.85 -1.38
N ARG B 216 10.67 -16.19 -1.51
CA ARG B 216 11.11 -16.81 -2.77
C ARG B 216 10.25 -16.34 -3.95
N ALA B 217 8.95 -16.18 -3.70
CA ALA B 217 8.03 -15.66 -4.71
C ALA B 217 8.44 -14.26 -5.17
N ALA B 218 8.85 -13.40 -4.24
CA ALA B 218 9.29 -12.06 -4.60
C ALA B 218 10.54 -12.11 -5.49
N VAL B 219 11.48 -12.99 -5.18
CA VAL B 219 12.68 -13.12 -6.00
C VAL B 219 12.35 -13.58 -7.43
N ARG B 220 11.48 -14.57 -7.54
CA ARG B 220 11.12 -15.07 -8.87
C ARG B 220 10.42 -13.97 -9.68
N MET B 221 9.56 -13.22 -9.02
CA MET B 221 8.83 -12.15 -9.70
C MET B 221 9.79 -11.08 -10.22
N ALA B 222 10.78 -10.72 -9.38
CA ALA B 222 11.83 -9.81 -9.81
C ALA B 222 12.59 -10.33 -11.03
N GLU B 223 13.02 -11.59 -10.99
CA GLU B 223 13.78 -12.19 -12.09
C GLU B 223 13.03 -12.14 -13.40
N GLU B 224 11.72 -12.29 -13.31
CA GLU B 224 10.85 -12.42 -14.47
C GLU B 224 10.40 -11.05 -14.97
N HIS B 225 10.71 -10.01 -14.20
CA HIS B 225 10.41 -8.63 -14.61
C HIS B 225 11.63 -7.72 -14.51
N SER B 226 12.78 -8.24 -14.93
CA SER B 226 14.03 -7.50 -14.75
C SER B 226 14.18 -6.27 -15.63
N GLU B 227 13.27 -6.06 -16.60
CA GLU B 227 13.33 -4.85 -17.40
C GLU B 227 12.86 -3.66 -16.57
N PHE B 228 12.13 -3.93 -15.49
CA PHE B 228 11.59 -2.88 -14.63
C PHE B 228 12.02 -3.00 -13.16
N VAL B 229 12.09 -4.23 -12.66
CA VAL B 229 12.46 -4.46 -11.26
C VAL B 229 13.99 -4.47 -11.09
N VAL B 230 14.50 -3.57 -10.24
CA VAL B 230 15.95 -3.37 -10.08
C VAL B 230 16.49 -4.00 -8.79
N GLY B 231 15.60 -4.58 -8.00
CA GLY B 231 16.03 -5.22 -6.74
C GLY B 231 14.95 -5.26 -5.70
N PHE B 232 15.38 -5.24 -4.44
CA PHE B 232 14.51 -5.62 -3.32
C PHE B 232 14.62 -4.69 -2.12
N ILE B 233 13.50 -4.61 -1.39
CA ILE B 233 13.52 -4.21 0.00
C ILE B 233 13.60 -5.52 0.76
N SER B 234 14.63 -5.69 1.59
CA SER B 234 14.81 -6.95 2.29
C SER B 234 15.71 -6.74 3.48
N GLY B 235 15.80 -7.74 4.36
CA GLY B 235 16.65 -7.62 5.55
C GLY B 235 18.03 -8.19 5.30
N SER B 236 18.17 -8.95 4.20
CA SER B 236 19.44 -9.60 3.81
CA SER B 236 19.44 -9.57 3.81
C SER B 236 19.49 -9.73 2.30
N ARG B 237 20.64 -10.14 1.78
CA ARG B 237 20.72 -10.53 0.40
C ARG B 237 19.73 -11.70 0.17
N VAL B 238 18.86 -11.58 -0.82
CA VAL B 238 17.89 -12.63 -1.15
C VAL B 238 18.11 -13.20 -2.55
N SER B 239 18.90 -12.48 -3.35
CA SER B 239 19.26 -12.96 -4.69
C SER B 239 20.76 -12.96 -4.85
N MET B 240 21.28 -14.00 -5.50
CA MET B 240 22.72 -14.04 -5.77
CA MET B 240 22.68 -14.15 -5.85
C MET B 240 23.08 -13.31 -7.08
N LYS B 241 22.09 -12.73 -7.78
CA LYS B 241 22.39 -12.00 -9.02
C LYS B 241 22.86 -10.59 -8.73
N PRO B 242 24.09 -10.21 -9.15
CA PRO B 242 24.59 -8.93 -8.69
C PRO B 242 23.97 -7.73 -9.40
N GLU B 243 23.14 -7.99 -10.44
CA GLU B 243 22.41 -6.90 -11.10
C GLU B 243 21.35 -6.34 -10.17
N PHE B 244 20.91 -7.13 -9.19
CA PHE B 244 19.84 -6.65 -8.28
C PHE B 244 20.39 -5.91 -7.08
N LEU B 245 19.73 -4.81 -6.72
CA LEU B 245 20.07 -4.07 -5.49
C LEU B 245 19.32 -4.63 -4.28
N HIS B 246 19.95 -4.60 -3.10
CA HIS B 246 19.23 -4.88 -1.86
C HIS B 246 19.26 -3.63 -0.97
N LEU B 247 18.08 -3.17 -0.57
CA LEU B 247 17.94 -2.02 0.31
C LEU B 247 17.27 -2.49 1.60
N THR B 248 17.84 -2.08 2.73
CA THR B 248 17.38 -2.56 4.02
C THR B 248 16.98 -1.46 4.97
N PRO B 249 15.69 -1.37 5.33
CA PRO B 249 15.24 -0.47 6.40
C PRO B 249 15.25 -1.22 7.74
N GLY B 250 14.89 -0.51 8.81
CA GLY B 250 14.97 -1.09 10.17
C GLY B 250 16.42 -1.04 10.61
N VAL B 251 17.04 0.12 10.39
CA VAL B 251 18.47 0.28 10.71
C VAL B 251 18.73 1.39 11.70
N GLN B 252 19.46 1.06 12.78
CA GLN B 252 20.03 2.08 13.69
C GLN B 252 21.34 1.53 14.26
N LEU B 253 22.19 2.42 14.79
CA LEU B 253 23.46 1.93 15.41
C LEU B 253 23.22 1.10 16.64
N GLU B 254 22.20 1.49 17.42
CA GLU B 254 21.90 0.81 18.67
C GLU B 254 20.78 -0.20 18.50
N ALA B 255 20.81 -1.25 19.32
CA ALA B 255 19.72 -2.25 19.37
C ALA B 255 18.42 -1.61 19.81
N GLY B 256 17.31 -2.17 19.36
CA GLY B 256 16.04 -1.67 19.87
C GLY B 256 14.94 -1.77 18.85
N GLY B 257 13.90 -0.98 19.06
CA GLY B 257 12.73 -0.96 18.17
C GLY B 257 11.86 0.25 18.49
N ASP B 258 10.63 0.28 17.97
CA ASP B 258 9.69 1.29 18.46
C ASP B 258 8.51 0.57 19.12
N ASN B 259 7.48 1.32 19.50
CA ASN B 259 6.35 0.73 20.19
C ASN B 259 5.30 0.16 19.22
N LEU B 260 5.60 0.25 17.93
CA LEU B 260 4.65 -0.21 16.92
C LEU B 260 5.28 -1.20 15.95
N GLY B 261 6.16 -2.07 16.45
CA GLY B 261 6.59 -3.21 15.65
C GLY B 261 7.88 -3.06 14.87
N GLN B 262 8.45 -1.86 14.84
CA GLN B 262 9.73 -1.69 14.14
C GLN B 262 10.85 -2.40 14.93
N GLN B 263 11.79 -3.01 14.23
CA GLN B 263 12.95 -3.65 14.88
C GLN B 263 14.21 -3.22 14.16
N TYR B 264 15.26 -2.95 14.93
CA TYR B 264 16.50 -2.44 14.35
C TYR B 264 17.65 -3.45 14.33
N ASN B 265 18.46 -3.35 13.28
CA ASN B 265 19.76 -4.00 13.21
C ASN B 265 20.75 -2.95 12.77
N SER B 266 22.05 -3.20 13.02
CA SER B 266 23.03 -2.18 12.73
C SER B 266 23.51 -2.26 11.26
N PRO B 267 24.11 -1.18 10.76
CA PRO B 267 24.72 -1.16 9.43
C PRO B 267 25.74 -2.28 9.26
N GLN B 268 26.53 -2.55 10.29
CA GLN B 268 27.53 -3.62 10.15
C GLN B 268 26.85 -4.99 9.98
N GLU B 269 25.77 -5.21 10.71
CA GLU B 269 25.04 -6.50 10.61
C GLU B 269 24.40 -6.60 9.23
N VAL B 270 23.75 -5.54 8.83
CA VAL B 270 22.92 -5.58 7.62
C VAL B 270 23.76 -5.60 6.33
N ILE B 271 24.75 -4.73 6.26
CA ILE B 271 25.63 -4.66 5.06
C ILE B 271 26.71 -5.74 5.13
N GLY B 272 27.36 -5.85 6.28
CA GLY B 272 28.53 -6.70 6.41
C GLY B 272 28.17 -8.17 6.56
N LYS B 273 27.31 -8.50 7.49
CA LYS B 273 27.01 -9.92 7.72
C LYS B 273 25.88 -10.43 6.83
N ARG B 274 24.90 -9.58 6.54
CA ARG B 274 23.69 -10.03 5.82
C ARG B 274 23.74 -9.77 4.31
N GLY B 275 24.77 -9.03 3.89
CA GLY B 275 25.09 -8.84 2.48
C GLY B 275 24.18 -7.89 1.72
N SER B 276 23.45 -7.05 2.45
CA SER B 276 22.67 -6.00 1.75
C SER B 276 23.55 -4.86 1.19
N ASP B 277 23.00 -4.03 0.27
CA ASP B 277 23.78 -2.96 -0.37
C ASP B 277 23.63 -1.60 0.29
N ILE B 278 22.42 -1.27 0.72
CA ILE B 278 22.09 0.10 1.08
C ILE B 278 21.28 0.03 2.37
N ILE B 279 21.59 0.90 3.31
CA ILE B 279 20.78 1.03 4.51
C ILE B 279 19.80 2.18 4.33
N ILE B 280 18.57 1.96 4.80
CA ILE B 280 17.56 3.04 4.84
C ILE B 280 17.38 3.44 6.29
N VAL B 281 17.62 4.72 6.57
CA VAL B 281 17.66 5.19 7.96
C VAL B 281 16.76 6.43 8.10
N GLY B 282 15.81 6.35 9.01
CA GLY B 282 14.90 7.49 9.28
C GLY B 282 15.19 8.14 10.63
N ARG B 283 14.47 7.73 11.66
CA ARG B 283 14.62 8.27 13.02
C ARG B 283 16.03 8.26 13.59
N GLY B 284 16.81 7.23 13.24
CA GLY B 284 18.24 7.21 13.61
C GLY B 284 18.98 8.48 13.24
N ILE B 285 18.63 9.08 12.11
CA ILE B 285 19.17 10.38 11.69
C ILE B 285 18.28 11.56 12.11
N ILE B 286 16.99 11.48 11.79
CA ILE B 286 16.13 12.67 11.94
C ILE B 286 15.95 13.09 13.40
N SER B 287 15.91 12.12 14.31
CA SER B 287 15.69 12.46 15.72
C SER B 287 16.98 12.92 16.41
N ALA B 288 18.14 12.71 15.75
CA ALA B 288 19.43 13.15 16.33
C ALA B 288 19.50 14.66 16.47
N ALA B 289 20.26 15.15 17.46
CA ALA B 289 20.46 16.60 17.55
C ALA B 289 21.17 17.16 16.32
N ASP B 290 22.20 16.46 15.86
CA ASP B 290 22.96 16.96 14.73
C ASP B 290 22.76 15.95 13.59
N ARG B 291 21.91 16.30 12.64
CA ARG B 291 21.52 15.37 11.59
C ARG B 291 22.63 15.21 10.59
N LEU B 292 23.49 16.22 10.46
CA LEU B 292 24.62 16.08 9.55
C LEU B 292 25.61 15.05 10.08
N GLU B 293 26.00 15.20 11.35
CA GLU B 293 26.86 14.23 12.01
C GLU B 293 26.26 12.84 11.99
N ALA B 294 24.96 12.76 12.27
CA ALA B 294 24.30 11.45 12.26
C ALA B 294 24.38 10.79 10.88
N ALA B 295 24.08 11.55 9.83
CA ALA B 295 24.11 11.02 8.44
C ALA B 295 25.53 10.54 8.11
N GLU B 296 26.54 11.32 8.52
CA GLU B 296 27.94 10.94 8.30
C GLU B 296 28.31 9.67 9.05
N MET B 297 27.84 9.49 10.29
CA MET B 297 28.12 8.24 11.01
C MET B 297 27.48 7.05 10.33
N TYR B 298 26.24 7.23 9.84
CA TYR B 298 25.59 6.11 9.16
C TYR B 298 26.27 5.81 7.80
N ARG B 299 26.63 6.87 7.08
CA ARG B 299 27.31 6.68 5.81
C ARG B 299 28.63 5.95 6.05
N LYS B 300 29.43 6.41 7.01
CA LYS B 300 30.73 5.77 7.27
C LYS B 300 30.57 4.31 7.72
N ALA B 301 29.58 4.04 8.57
CA ALA B 301 29.25 2.68 9.01
C ALA B 301 28.90 1.76 7.84
N ALA B 302 27.96 2.20 6.99
CA ALA B 302 27.55 1.36 5.86
C ALA B 302 28.67 1.22 4.81
N TRP B 303 29.40 2.29 4.55
CA TRP B 303 30.47 2.24 3.55
C TRP B 303 31.60 1.30 3.99
N GLU B 304 32.04 1.42 5.25
CA GLU B 304 33.14 0.57 5.76
CA GLU B 304 33.15 0.57 5.69
C GLU B 304 32.71 -0.90 5.81
N ALA B 305 31.45 -1.14 6.16
CA ALA B 305 30.91 -2.49 6.14
C ALA B 305 30.93 -3.08 4.71
N TYR B 306 30.60 -2.25 3.72
CA TYR B 306 30.67 -2.66 2.32
C TYR B 306 32.12 -2.92 1.88
N LEU B 307 33.03 -2.04 2.25
CA LEU B 307 34.45 -2.25 1.90
C LEU B 307 35.01 -3.57 2.45
N SER B 308 34.65 -3.90 3.70
CA SER B 308 35.20 -5.07 4.35
C SER B 308 34.67 -6.33 3.69
N ARG B 309 33.40 -6.31 3.32
CA ARG B 309 32.77 -7.45 2.65
C ARG B 309 33.44 -7.64 1.29
N LEU B 310 33.87 -6.54 0.68
CA LEU B 310 34.48 -6.56 -0.64
C LEU B 310 35.91 -7.14 -0.57
N GLY B 311 36.58 -6.90 0.55
CA GLY B 311 37.94 -7.38 0.79
C GLY B 311 38.96 -6.58 0.03
C1 GOL C . -21.28 9.40 7.22
O1 GOL C . -20.23 9.61 6.30
C2 GOL C . -21.73 7.98 6.96
O2 GOL C . -21.20 7.16 7.97
C3 GOL C . -23.25 7.93 6.98
O3 GOL C . -23.66 6.62 6.64
C1 GOL D . -16.35 12.28 10.86
O1 GOL D . -16.55 13.09 11.99
C2 GOL D . -17.65 11.83 10.18
O2 GOL D . -18.65 12.83 10.20
C3 GOL D . -17.35 11.54 8.71
O3 GOL D . -17.45 10.15 8.49
C1 GOL E . -33.06 -0.25 -2.08
O1 GOL E . -31.71 -0.45 -2.39
C2 GOL E . -34.00 -0.90 -3.08
O2 GOL E . -35.19 -1.30 -2.45
C3 GOL E . -34.31 0.14 -4.15
O3 GOL E . -33.12 0.42 -4.85
OAF TKW F . -14.61 -4.71 -10.60
PAV TKW F . -13.16 -4.07 -10.74
OAG TKW F . -13.12 -2.87 -11.80
OAH TKW F . -12.02 -5.14 -11.03
O5' TKW F . -12.84 -3.37 -9.32
C5' TKW F . -11.95 -4.04 -8.41
C4' TKW F . -11.80 -3.06 -7.25
O4' TKW F . -11.52 -3.81 -6.05
C3' TKW F . -10.63 -2.16 -7.55
O3' TKW F . -10.86 -0.82 -7.00
C2' TKW F . -9.46 -2.90 -6.88
O2' TKW F . -8.49 -1.95 -6.48
C1' TKW F . -10.12 -3.60 -5.70
NAU TKW F . -9.56 -4.94 -5.29
CAP TKW F . -9.40 -6.05 -6.05
OAB TKW F . -9.69 -6.07 -7.25
NAK TKW F . -8.92 -7.19 -5.53
CAN TKW F . -8.59 -7.26 -4.23
NAA TKW F . -8.12 -8.34 -3.65
CAO TKW F . -8.74 -6.16 -3.42
OAC TKW F . -8.40 -6.28 -2.11
CAI TKW F . -9.23 -5.02 -3.95
OP1 16B G . -14.26 -4.52 -10.09
P 16B G . -13.03 -4.12 -10.83
OP3 16B G . -12.19 -5.27 -11.49
OP2 16B G . -13.30 -2.99 -11.90
O5' 16B G . -12.08 -3.37 -9.74
C5' 16B G . -12.67 -3.33 -8.42
C4' 16B G . -11.92 -2.50 -7.40
O4' 16B G . -11.64 -3.37 -6.32
C3' 16B G . -10.61 -1.82 -7.80
O3' 16B G . -10.65 -0.53 -7.21
C2' 16B G . -9.51 -2.68 -7.18
O2' 16B G . -8.40 -1.89 -6.75
C1' 16B G . -10.20 -3.31 -6.01
N1 16B G . -9.76 -4.71 -5.73
C2 16B G . -10.05 -5.86 -6.55
O2 16B G . -10.70 -5.80 -7.60
N3 16B G . -9.60 -7.07 -6.18
C6 16B G . -9.03 -4.88 -4.55
C5 16B G . -8.58 -6.12 -4.21
C4 16B G . -8.87 -7.22 -5.04
N4 16B G . -8.43 -8.41 -4.66
OAC 16B G . -8.84 -8.87 -3.45
C1 GOL H . 16.57 13.16 -10.60
O1 GOL H . 16.80 13.36 -11.99
C2 GOL H . 17.64 12.21 -10.07
O2 GOL H . 17.60 11.05 -10.88
C3 GOL H . 19.02 12.85 -10.20
O3 GOL H . 19.99 11.99 -9.61
C1 GOL I . 24.60 -3.58 17.83
O1 GOL I . 24.00 -2.32 17.89
C2 GOL I . 24.22 -4.24 19.13
O2 GOL I . 24.19 -5.64 19.06
C3 GOL I . 25.29 -3.83 20.11
O3 GOL I . 24.78 -2.80 20.92
C1 GOL J . 36.85 0.18 -4.05
O1 GOL J . 37.94 0.92 -3.57
C2 GOL J . 35.56 0.77 -3.47
O2 GOL J . 35.53 2.18 -3.56
C3 GOL J . 34.41 0.14 -4.21
O3 GOL J . 33.34 1.04 -4.45
OAF TKW K . 12.03 3.26 11.46
PAV TKW K . 12.94 4.40 11.09
OAG TKW K . 12.38 5.81 11.35
OAH TKW K . 14.01 4.22 12.28
O5' TKW K . 13.27 4.20 9.57
C5' TKW K . 12.05 3.54 8.89
C4' TKW K . 11.51 3.94 7.45
O4' TKW K . 11.55 2.81 6.52
C3' TKW K . 9.98 4.26 7.41
O3' TKW K . 9.73 5.31 6.44
C2' TKW K . 9.15 2.97 7.09
O2' TKW K . 7.90 3.30 6.38
C1' TKW K . 10.13 2.08 6.31
NAU TKW K . 10.19 0.48 6.43
CAP TKW K . 10.68 -0.34 7.45
OAB TKW K . 11.10 0.02 8.54
NAK TKW K . 10.71 -1.69 7.30
CAN TKW K . 10.30 -2.33 6.18
NAA TKW K . 10.35 -3.61 5.96
CAO TKW K . 9.85 -1.61 5.10
OAC TKW K . 9.46 -2.31 3.95
CAI TKW K . 9.76 -0.29 5.28
#